data_6EL8
#
_entry.id   6EL8
#
_cell.length_a   38.848
_cell.length_b   43.284
_cell.length_c   58.317
_cell.angle_alpha   90.05
_cell.angle_beta   95.67
_cell.angle_gamma   93.77
#
_symmetry.space_group_name_H-M   'P 1'
#
loop_
_entity.id
_entity.type
_entity.pdbx_description
1 polymer 'Forkhead box protein N1'
2 polymer "DNA (5'-D(*GP*GP*TP*GP*GP*CP*GP*TP*CP*TP*TP*CP*A)-3')"
3 polymer "DNA (5'-D(*TP*GP*AP*AP*GP*AP*CP*GP*CP*CP*AP*CP*C)-3')"
4 water water
#
loop_
_entity_poly.entity_id
_entity_poly.type
_entity_poly.pdbx_seq_one_letter_code
_entity_poly.pdbx_strand_id
1 'polypeptide(L)'
;SMPKPIYSYSILIFMALKNSKTGSLPVSEIYNFMTEHFPYFKTAPDGWKNSVRHNLSLNKCFEKVENKSGSSSRKGCLWA
LNPAKIDKMQEELQKWKRK
;
A,D
2 'polydeoxyribonucleotide' (DG)(DG)(DT)(DG)(DG)(DC)(DG)(DT)(DC)(DT)(DT)(DC)(DA) B,E
3 'polydeoxyribonucleotide' (DT)(DG)(DA)(DA)(DG)(DA)(DC)(DG)(DC)(DC)(DA)(DC)(DC) C,F
#
# COMPACT_ATOMS: atom_id res chain seq x y z
N MET A 2 -3.19 1.77 10.44
CA MET A 2 -3.70 0.58 11.13
C MET A 2 -3.55 -0.61 10.16
N PRO A 3 -4.35 -1.68 10.26
CA PRO A 3 -4.35 -2.66 9.18
C PRO A 3 -4.98 -2.12 7.90
N LYS A 4 -4.58 -2.75 6.81
CA LYS A 4 -5.26 -2.53 5.55
C LYS A 4 -6.70 -3.01 5.66
N PRO A 5 -7.60 -2.45 4.84
CA PRO A 5 -8.95 -3.02 4.73
C PRO A 5 -8.90 -4.48 4.33
N ILE A 6 -9.94 -5.22 4.69
CA ILE A 6 -9.99 -6.61 4.23
C ILE A 6 -10.46 -6.70 2.79
N TYR A 7 -10.87 -5.58 2.21
CA TYR A 7 -11.49 -5.54 0.90
C TYR A 7 -10.45 -5.31 -0.20
N SER A 8 -10.65 -5.97 -1.34
CA SER A 8 -9.88 -5.75 -2.55
C SER A 8 -10.12 -4.33 -3.07
N TYR A 9 -9.25 -3.88 -3.98
CA TYR A 9 -9.51 -2.54 -4.52
C TYR A 9 -10.83 -2.52 -5.30
N SER A 10 -11.17 -3.63 -5.95
CA SER A 10 -12.40 -3.69 -6.76
C SER A 10 -13.58 -3.42 -5.86
N ILE A 11 -13.56 -4.02 -4.66
CA ILE A 11 -14.68 -3.87 -3.75
C ILE A 11 -14.68 -2.49 -3.11
N LEU A 12 -13.50 -1.95 -2.81
CA LEU A 12 -13.46 -0.58 -2.34
C LEU A 12 -14.05 0.39 -3.36
N ILE A 13 -13.71 0.23 -4.64
CA ILE A 13 -14.26 1.12 -5.66
C ILE A 13 -15.78 0.94 -5.76
N PHE A 14 -16.23 -0.30 -5.71
CA PHE A 14 -17.66 -0.60 -5.77
C PHE A 14 -18.41 0.10 -4.64
N MET A 15 -17.85 0.08 -3.43
CA MET A 15 -18.44 0.81 -2.31
C MET A 15 -18.52 2.29 -2.61
N ALA A 16 -17.47 2.87 -3.16
CA ALA A 16 -17.47 4.31 -3.45
C ALA A 16 -18.56 4.65 -4.47
N LEU A 17 -18.68 3.84 -5.51
CA LEU A 17 -19.57 4.20 -6.60
C LEU A 17 -21.02 3.96 -6.21
N LYS A 18 -21.28 2.82 -5.53
CA LYS A 18 -22.67 2.53 -5.12
C LYS A 18 -23.18 3.52 -4.08
N ASN A 19 -22.28 4.17 -3.38
CA ASN A 19 -22.65 5.13 -2.37
C ASN A 19 -22.91 6.54 -2.93
N SER A 20 -22.58 6.76 -4.19
CA SER A 20 -22.65 8.10 -4.74
C SER A 20 -24.07 8.48 -5.19
N LYS A 21 -24.25 9.80 -5.35
CA LYS A 21 -25.56 10.34 -5.73
C LYS A 21 -26.00 9.87 -7.12
N THR A 22 -25.10 9.89 -8.10
CA THR A 22 -25.48 9.49 -9.45
C THR A 22 -25.11 8.06 -9.79
N GLY A 23 -24.26 7.42 -8.98
CA GLY A 23 -23.68 6.15 -9.34
C GLY A 23 -22.34 6.24 -10.06
N SER A 24 -21.88 7.44 -10.41
CA SER A 24 -20.59 7.64 -11.06
C SER A 24 -19.82 8.72 -10.30
N LEU A 25 -18.49 8.60 -10.31
CA LEU A 25 -17.58 9.51 -9.64
C LEU A 25 -16.33 9.74 -10.47
N PRO A 26 -15.74 10.94 -10.37
CA PRO A 26 -14.37 11.11 -10.84
C PRO A 26 -13.43 10.48 -9.82
N VAL A 27 -12.27 10.06 -10.28
CA VAL A 27 -11.40 9.31 -9.37
C VAL A 27 -11.03 10.14 -8.12
N SER A 28 -10.93 11.46 -8.24
CA SER A 28 -10.61 12.24 -7.04
C SER A 28 -11.64 11.99 -5.94
N GLU A 29 -12.92 11.83 -6.31
CA GLU A 29 -13.92 11.56 -5.29
C GLU A 29 -13.95 10.10 -4.85
N ILE A 30 -13.45 9.18 -5.65
CA ILE A 30 -13.27 7.83 -5.13
C ILE A 30 -12.23 7.85 -4.01
N TYR A 31 -11.14 8.60 -4.21
CA TYR A 31 -10.12 8.69 -3.16
C TYR A 31 -10.73 9.24 -1.89
N ASN A 32 -11.54 10.31 -2.01
CA ASN A 32 -12.13 10.93 -0.82
C ASN A 32 -13.03 9.95 -0.08
N PHE A 33 -13.80 9.15 -0.83
CA PHE A 33 -14.60 8.13 -0.16
C PHE A 33 -13.72 7.17 0.62
N MET A 34 -12.60 6.74 0.01
CA MET A 34 -11.76 5.75 0.65
C MET A 34 -11.10 6.32 1.90
N THR A 35 -10.60 7.55 1.85
CA THR A 35 -9.97 8.10 3.05
C THR A 35 -10.97 8.42 4.14
N GLU A 36 -12.18 8.83 3.77
CA GLU A 36 -13.22 9.07 4.77
C GLU A 36 -13.71 7.78 5.41
N HIS A 37 -13.89 6.72 4.64
CA HIS A 37 -14.43 5.49 5.19
C HIS A 37 -13.40 4.48 5.63
N PHE A 38 -12.13 4.60 5.18
CA PHE A 38 -11.05 3.69 5.57
C PHE A 38 -9.84 4.54 5.90
N PRO A 39 -9.77 5.05 7.13
CA PRO A 39 -8.73 6.03 7.46
C PRO A 39 -7.30 5.51 7.28
N TYR A 40 -7.10 4.19 7.18
CA TYR A 40 -5.86 3.61 6.69
C TYR A 40 -5.27 4.41 5.53
N PHE A 41 -6.12 4.80 4.55
CA PHE A 41 -5.59 5.42 3.36
C PHE A 41 -5.10 6.85 3.59
N LYS A 42 -5.46 7.47 4.72
CA LYS A 42 -4.99 8.82 4.97
C LYS A 42 -3.49 8.85 5.19
N THR A 43 -2.94 7.77 5.70
CA THR A 43 -1.50 7.71 5.96
C THR A 43 -0.79 6.61 5.16
N ALA A 44 -1.49 5.93 4.26
CA ALA A 44 -0.89 4.81 3.55
C ALA A 44 0.25 5.29 2.67
N PRO A 45 1.27 4.45 2.43
CA PRO A 45 2.35 4.86 1.54
C PRO A 45 1.79 5.12 0.16
N ASP A 46 2.44 6.06 -0.54
CA ASP A 46 2.08 6.38 -1.91
C ASP A 46 2.04 5.13 -2.79
N GLY A 47 1.09 5.15 -3.74
CA GLY A 47 0.98 4.06 -4.66
C GLY A 47 -0.45 3.56 -4.71
N TRP A 48 -1.17 3.70 -3.59
CA TRP A 48 -2.52 3.14 -3.52
C TRP A 48 -3.45 3.80 -4.52
N LYS A 49 -3.25 5.06 -4.79
CA LYS A 49 -4.05 5.76 -5.79
C LYS A 49 -3.80 5.17 -7.18
N ASN A 50 -2.54 4.84 -7.46
CA ASN A 50 -2.20 4.25 -8.74
C ASN A 50 -2.94 2.92 -8.89
N SER A 51 -3.00 2.15 -7.82
CA SER A 51 -3.68 0.85 -7.81
C SER A 51 -5.18 1.00 -8.05
N VAL A 52 -5.79 2.00 -7.42
CA VAL A 52 -7.20 2.31 -7.68
C VAL A 52 -7.38 2.54 -9.17
N ARG A 53 -6.57 3.42 -9.75
CA ARG A 53 -6.75 3.73 -11.16
C ARG A 53 -6.40 2.55 -12.06
N HIS A 54 -5.39 1.73 -11.70
CA HIS A 54 -5.14 0.51 -12.47
C HIS A 54 -6.39 -0.34 -12.56
N ASN A 55 -7.06 -0.53 -11.42
CA ASN A 55 -8.25 -1.35 -11.34
C ASN A 55 -9.38 -0.78 -12.17
N LEU A 56 -9.57 0.55 -12.09
CA LEU A 56 -10.62 1.18 -12.89
C LEU A 56 -10.45 0.90 -14.37
N SER A 57 -9.23 1.04 -14.87
CA SER A 57 -8.98 0.86 -16.29
C SER A 57 -9.07 -0.61 -16.68
N LEU A 58 -8.62 -1.52 -15.84
CA LEU A 58 -8.49 -2.88 -16.33
C LEU A 58 -9.77 -3.66 -16.21
N ASN A 59 -10.42 -3.46 -15.08
CA ASN A 59 -11.53 -4.27 -14.66
C ASN A 59 -12.73 -3.89 -15.50
N LYS A 60 -13.31 -4.89 -16.19
CA LYS A 60 -14.53 -4.62 -16.93
C LYS A 60 -15.70 -4.39 -16.00
N CYS A 61 -15.46 -4.51 -14.69
CA CYS A 61 -16.46 -4.14 -13.71
C CYS A 61 -16.70 -2.64 -13.70
N PHE A 62 -15.76 -1.83 -14.22
CA PHE A 62 -15.95 -0.36 -14.15
C PHE A 62 -15.83 0.26 -15.53
N GLU A 63 -16.72 1.25 -15.83
CA GLU A 63 -16.79 1.84 -17.15
C GLU A 63 -16.53 3.34 -17.08
N LYS A 64 -15.71 3.83 -18.00
CA LYS A 64 -15.46 5.27 -18.11
C LYS A 64 -16.62 5.96 -18.80
N VAL A 65 -17.22 6.94 -18.11
CA VAL A 65 -18.39 7.69 -18.58
C VAL A 65 -18.04 8.96 -19.35
N GLU A 66 -18.80 9.23 -20.40
CA GLU A 66 -18.58 10.40 -21.25
C GLU A 66 -18.75 11.69 -20.47
N ASN A 67 -17.77 12.57 -20.57
CA ASN A 67 -17.84 13.83 -19.85
C ASN A 67 -19.08 14.58 -20.31
N LYS A 68 -19.86 15.10 -19.36
CA LYS A 68 -21.05 15.84 -19.72
C LYS A 68 -20.66 17.29 -19.67
N SER A 69 -20.69 17.94 -20.84
CA SER A 69 -20.32 19.33 -20.95
C SER A 69 -18.96 19.50 -20.29
N LYS A 75 -11.61 17.89 -15.29
CA LYS A 75 -10.88 17.28 -16.41
C LYS A 75 -10.89 15.74 -16.35
N GLY A 76 -10.93 15.18 -15.14
CA GLY A 76 -11.07 13.74 -15.02
C GLY A 76 -12.40 13.25 -15.56
N CYS A 77 -12.41 12.01 -16.05
CA CYS A 77 -13.64 11.35 -16.44
C CYS A 77 -14.40 10.86 -15.22
N LEU A 78 -15.69 10.62 -15.42
CA LEU A 78 -16.47 9.90 -14.41
C LEU A 78 -16.35 8.42 -14.66
N TRP A 79 -16.43 7.65 -13.57
CA TRP A 79 -16.39 6.21 -13.60
C TRP A 79 -17.69 5.64 -13.05
N ALA A 80 -18.19 4.55 -13.64
CA ALA A 80 -19.47 3.95 -13.26
C ALA A 80 -19.35 2.43 -13.19
N LEU A 81 -20.33 1.81 -12.56
CA LEU A 81 -20.40 0.36 -12.51
C LEU A 81 -20.85 -0.23 -13.83
N ASN A 82 -20.25 -1.36 -14.21
CA ASN A 82 -20.87 -2.19 -15.23
C ASN A 82 -22.09 -2.89 -14.63
N PRO A 83 -23.33 -2.59 -15.06
CA PRO A 83 -24.51 -3.17 -14.39
C PRO A 83 -24.54 -4.69 -14.40
N ALA A 84 -23.96 -5.33 -15.42
CA ALA A 84 -23.93 -6.80 -15.51
C ALA A 84 -23.01 -7.45 -14.49
N LYS A 85 -22.12 -6.67 -13.85
CA LYS A 85 -21.18 -7.19 -12.85
C LYS A 85 -21.54 -6.84 -11.41
N ILE A 86 -22.70 -6.21 -11.19
CA ILE A 86 -23.04 -5.77 -9.85
C ILE A 86 -23.36 -6.96 -8.95
N ASP A 87 -24.04 -7.98 -9.50
CA ASP A 87 -24.32 -9.15 -8.68
C ASP A 87 -23.02 -9.78 -8.17
N LYS A 88 -22.03 -9.92 -9.06
CA LYS A 88 -20.75 -10.54 -8.68
C LYS A 88 -20.04 -9.68 -7.64
N MET A 89 -20.08 -8.36 -7.80
CA MET A 89 -19.40 -7.52 -6.82
C MET A 89 -20.12 -7.55 -5.49
N GLN A 90 -21.43 -7.64 -5.53
CA GLN A 90 -22.25 -7.71 -4.31
C GLN A 90 -21.96 -9.00 -3.56
N GLU A 91 -21.81 -10.10 -4.30
CA GLU A 91 -21.48 -11.39 -3.69
C GLU A 91 -20.13 -11.33 -3.00
N GLU A 92 -19.13 -10.75 -3.65
CA GLU A 92 -17.79 -10.70 -3.06
C GLU A 92 -17.78 -9.82 -1.82
N LEU A 93 -18.57 -8.74 -1.84
CA LEU A 93 -18.70 -7.88 -0.67
C LEU A 93 -19.24 -8.67 0.51
N GLN A 94 -20.19 -9.58 0.26
CA GLN A 94 -20.68 -10.45 1.32
C GLN A 94 -19.66 -11.51 1.73
N LYS A 95 -18.46 -11.10 2.10
CA LYS A 95 -17.43 -11.99 2.61
C LYS A 95 -16.52 -11.24 3.60
N SER D 1 33.56 -5.06 -7.34
CA SER D 1 33.15 -5.10 -5.94
C SER D 1 31.68 -4.70 -5.85
N MET D 2 31.05 -4.91 -4.69
CA MET D 2 29.64 -4.57 -4.48
C MET D 2 29.50 -3.43 -3.48
N PRO D 3 29.11 -2.22 -3.88
CA PRO D 3 28.95 -1.15 -2.90
C PRO D 3 27.72 -1.39 -2.03
N LYS D 4 27.71 -0.74 -0.86
CA LYS D 4 26.50 -0.75 -0.04
C LYS D 4 25.35 -0.04 -0.77
N PRO D 5 24.11 -0.37 -0.46
CA PRO D 5 22.99 0.47 -0.88
C PRO D 5 23.13 1.90 -0.36
N ILE D 6 22.53 2.84 -1.08
CA ILE D 6 22.61 4.21 -0.57
C ILE D 6 21.60 4.44 0.55
N TYR D 7 20.61 3.56 0.68
CA TYR D 7 19.55 3.74 1.66
C TYR D 7 19.97 3.36 3.07
N SER D 8 19.47 4.12 4.05
CA SER D 8 19.58 3.81 5.46
C SER D 8 18.85 2.52 5.80
N TYR D 9 19.12 1.98 6.99
CA TYR D 9 18.36 0.80 7.40
C TYR D 9 16.88 1.13 7.53
N SER D 10 16.54 2.30 8.07
CA SER D 10 15.13 2.70 8.21
C SER D 10 14.42 2.60 6.86
N ILE D 11 15.05 3.13 5.81
CA ILE D 11 14.41 3.20 4.51
C ILE D 11 14.33 1.82 3.87
N LEU D 12 15.36 0.99 4.08
CA LEU D 12 15.30 -0.40 3.62
C LEU D 12 14.15 -1.16 4.26
N ILE D 13 13.95 -1.01 5.57
CA ILE D 13 12.86 -1.69 6.24
C ILE D 13 11.53 -1.14 5.74
N PHE D 14 11.45 0.18 5.60
CA PHE D 14 10.24 0.81 5.01
C PHE D 14 9.89 0.21 3.66
N MET D 15 10.87 0.09 2.76
CA MET D 15 10.65 -0.53 1.47
C MET D 15 10.13 -1.96 1.63
N ALA D 16 10.71 -2.74 2.56
CA ALA D 16 10.25 -4.12 2.68
C ALA D 16 8.80 -4.19 3.18
N LEU D 17 8.45 -3.34 4.14
CA LEU D 17 7.14 -3.43 4.76
C LEU D 17 6.06 -2.88 3.84
N LYS D 18 6.35 -1.78 3.15
CA LYS D 18 5.34 -1.24 2.24
C LYS D 18 5.13 -2.13 1.01
N ASN D 19 6.07 -3.00 0.73
CA ASN D 19 5.93 -3.89 -0.39
C ASN D 19 5.15 -5.15 -0.03
N SER D 20 4.82 -5.35 1.25
CA SER D 20 4.27 -6.66 1.62
C SER D 20 2.76 -6.70 1.43
N LYS D 21 2.20 -7.93 1.35
CA LYS D 21 0.76 -8.06 1.10
C LYS D 21 -0.08 -7.42 2.21
N THR D 22 0.33 -7.64 3.47
CA THR D 22 -0.41 -7.25 4.66
C THR D 22 0.07 -5.95 5.32
N GLY D 23 1.25 -5.46 4.97
CA GLY D 23 1.82 -4.32 5.65
C GLY D 23 2.65 -4.66 6.87
N SER D 24 2.74 -5.94 7.24
CA SER D 24 3.53 -6.37 8.38
C SER D 24 4.30 -7.62 8.00
N LEU D 25 5.54 -7.74 8.48
CA LEU D 25 6.41 -8.86 8.14
C LEU D 25 7.13 -9.30 9.39
N PRO D 26 7.41 -10.59 9.55
CA PRO D 26 8.43 -11.01 10.53
C PRO D 26 9.80 -10.70 9.97
N VAL D 27 10.78 -10.59 10.88
CA VAL D 27 12.08 -10.09 10.42
C VAL D 27 12.69 -11.02 9.36
N SER D 28 12.41 -12.31 9.42
CA SER D 28 12.96 -13.20 8.40
C SER D 28 12.56 -12.78 7.00
N GLU D 29 11.33 -12.31 6.82
CA GLU D 29 10.92 -11.90 5.46
C GLU D 29 11.40 -10.52 5.10
N ILE D 30 11.70 -9.68 6.07
CA ILE D 30 12.39 -8.43 5.77
C ILE D 30 13.78 -8.73 5.21
N TYR D 31 14.53 -9.65 5.84
CA TYR D 31 15.81 -10.09 5.27
C TYR D 31 15.62 -10.55 3.84
N ASN D 32 14.61 -11.39 3.59
CA ASN D 32 14.39 -11.92 2.24
C ASN D 32 14.14 -10.79 1.25
N PHE D 33 13.33 -9.81 1.64
CA PHE D 33 13.15 -8.67 0.75
C PHE D 33 14.49 -8.02 0.45
N MET D 34 15.34 -7.87 1.48
CA MET D 34 16.55 -7.09 1.27
C MET D 34 17.51 -7.82 0.34
N THR D 35 17.68 -9.14 0.51
CA THR D 35 18.59 -9.88 -0.37
C THR D 35 18.06 -9.92 -1.80
N GLU D 36 16.73 -10.01 -1.97
CA GLU D 36 16.17 -10.12 -3.32
C GLU D 36 16.32 -8.83 -4.09
N HIS D 37 16.20 -7.70 -3.41
CA HIS D 37 16.15 -6.39 -4.04
C HIS D 37 17.48 -5.65 -4.01
N PHE D 38 18.38 -6.02 -3.11
CA PHE D 38 19.67 -5.35 -2.95
C PHE D 38 20.69 -6.46 -2.79
N PRO D 39 21.27 -6.89 -3.90
CA PRO D 39 22.12 -8.09 -3.88
C PRO D 39 23.39 -7.90 -3.07
N TYR D 40 23.78 -6.67 -2.74
CA TYR D 40 24.80 -6.45 -1.70
C TYR D 40 24.59 -7.37 -0.49
N PHE D 41 23.34 -7.55 -0.03
CA PHE D 41 23.12 -8.30 1.21
C PHE D 41 23.23 -9.83 1.02
N LYS D 42 23.30 -10.35 -0.22
CA LYS D 42 23.48 -11.78 -0.37
C LYS D 42 24.85 -12.22 0.13
N THR D 43 25.82 -11.32 0.07
CA THR D 43 27.20 -11.63 0.42
C THR D 43 27.77 -10.69 1.48
N ALA D 44 26.99 -9.74 1.99
CA ALA D 44 27.55 -8.78 2.93
C ALA D 44 28.11 -9.52 4.15
N PRO D 45 29.14 -8.96 4.81
CA PRO D 45 29.61 -9.56 6.07
C PRO D 45 28.49 -9.62 7.11
N ASP D 46 28.55 -10.66 7.95
CA ASP D 46 27.62 -10.78 9.09
C ASP D 46 27.53 -9.50 9.92
N GLY D 47 26.32 -9.21 10.41
CA GLY D 47 26.12 -8.07 11.27
C GLY D 47 24.94 -7.23 10.76
N TRP D 48 24.74 -7.23 9.44
CA TRP D 48 23.67 -6.42 8.86
C TRP D 48 22.31 -6.83 9.41
N LYS D 49 22.12 -8.11 9.65
CA LYS D 49 20.85 -8.57 10.21
C LYS D 49 20.64 -7.97 11.60
N ASN D 50 21.71 -7.91 12.38
CA ASN D 50 21.64 -7.34 13.71
C ASN D 50 21.23 -5.88 13.63
N SER D 51 21.76 -5.18 12.63
CA SER D 51 21.45 -3.77 12.42
C SER D 51 19.99 -3.54 12.04
N VAL D 52 19.47 -4.41 11.19
CA VAL D 52 18.03 -4.38 10.86
C VAL D 52 17.22 -4.52 12.13
N ARG D 53 17.51 -5.56 12.93
CA ARG D 53 16.73 -5.76 14.15
C ARG D 53 16.90 -4.59 15.13
N HIS D 54 18.12 -4.06 15.29
CA HIS D 54 18.35 -2.86 16.12
C HIS D 54 17.42 -1.75 15.73
N ASN D 55 17.33 -1.49 14.43
CA ASN D 55 16.47 -0.40 13.95
C ASN D 55 15.00 -0.66 14.27
N LEU D 56 14.55 -1.90 14.06
CA LEU D 56 13.17 -2.24 14.38
C LEU D 56 12.86 -1.99 15.84
N SER D 57 13.78 -2.36 16.74
CA SER D 57 13.50 -2.21 18.17
C SER D 57 13.64 -0.77 18.66
N LEU D 58 14.17 0.13 17.87
CA LEU D 58 14.53 1.44 18.37
C LEU D 58 13.62 2.50 17.78
N ASN D 59 13.74 2.64 16.46
CA ASN D 59 12.92 3.48 15.61
C ASN D 59 11.45 3.37 15.98
N LYS D 60 10.90 4.49 16.42
CA LYS D 60 9.47 4.57 16.47
C LYS D 60 8.86 4.62 15.09
N CYS D 61 9.70 4.57 14.03
CA CYS D 61 9.18 4.32 12.68
C CYS D 61 8.47 2.98 12.59
N PHE D 62 8.85 2.00 13.42
CA PHE D 62 8.34 0.64 13.26
C PHE D 62 7.74 0.13 14.56
N GLU D 63 6.63 -0.62 14.46
CA GLU D 63 5.89 -1.08 15.62
C GLU D 63 5.86 -2.58 15.65
N LYS D 64 6.03 -3.13 16.84
CA LYS D 64 6.03 -4.57 17.05
C LYS D 64 4.58 -5.03 17.19
N VAL D 65 4.34 -6.31 16.92
CA VAL D 65 2.97 -6.81 16.81
C VAL D 65 2.91 -8.21 17.44
N GLU D 66 2.02 -8.37 18.42
CA GLU D 66 1.75 -9.68 18.99
C GLU D 66 0.24 -9.89 19.20
N LYS D 75 7.65 -18.16 14.80
CA LYS D 75 7.63 -17.73 16.19
C LYS D 75 7.97 -16.25 16.37
N GLY D 76 8.75 -15.67 15.45
CA GLY D 76 9.07 -14.25 15.55
C GLY D 76 7.84 -13.36 15.40
N CYS D 77 7.89 -12.19 16.04
CA CYS D 77 6.80 -11.23 15.96
C CYS D 77 6.69 -10.65 14.54
N LEU D 78 5.53 -10.08 14.25
CA LEU D 78 5.40 -9.28 13.05
C LEU D 78 5.78 -7.83 13.34
N TRP D 79 6.28 -7.15 12.33
CA TRP D 79 6.66 -5.75 12.45
C TRP D 79 5.89 -4.92 11.45
N ALA D 80 5.51 -3.72 11.85
CA ALA D 80 4.63 -2.92 11.01
C ALA D 80 5.11 -1.49 11.01
N LEU D 81 4.61 -0.73 10.03
CA LEU D 81 4.85 0.70 9.97
C LEU D 81 4.05 1.43 11.03
N ASN D 82 4.71 2.37 11.69
CA ASN D 82 4.02 3.34 12.51
C ASN D 82 3.33 4.35 11.60
N PRO D 83 1.99 4.41 11.58
CA PRO D 83 1.28 5.25 10.60
C PRO D 83 1.68 6.71 10.66
N ALA D 84 1.98 7.24 11.85
CA ALA D 84 2.26 8.67 11.96
C ALA D 84 3.59 9.06 11.34
N LYS D 85 4.48 8.10 11.07
CA LYS D 85 5.80 8.39 10.50
C LYS D 85 5.93 8.05 9.01
N ILE D 86 4.86 7.61 8.35
CA ILE D 86 5.00 7.20 6.95
C ILE D 86 5.42 8.38 6.10
N ASP D 87 4.92 9.57 6.41
CA ASP D 87 5.22 10.73 5.60
C ASP D 87 6.70 11.11 5.67
N LYS D 88 7.28 11.08 6.89
CA LYS D 88 8.71 11.34 7.01
C LYS D 88 9.52 10.32 6.24
N MET D 89 9.16 9.03 6.34
CA MET D 89 9.93 8.00 5.63
C MET D 89 9.80 8.19 4.13
N GLN D 90 8.62 8.60 3.67
CA GLN D 90 8.41 8.80 2.23
C GLN D 90 9.26 9.93 1.69
N GLU D 91 9.37 11.02 2.44
CA GLU D 91 10.18 12.14 2.02
C GLU D 91 11.66 11.75 2.00
N GLU D 92 12.05 10.97 3.00
CA GLU D 92 13.44 10.53 3.13
C GLU D 92 13.85 9.69 1.95
N LEU D 93 12.96 8.80 1.53
CA LEU D 93 13.23 7.93 0.41
C LEU D 93 13.38 8.71 -0.88
N GLN D 94 12.54 9.71 -1.08
CA GLN D 94 12.54 10.50 -2.32
C GLN D 94 13.79 11.37 -2.47
N LYS D 95 14.54 11.59 -1.39
CA LYS D 95 15.77 12.37 -1.50
C LYS D 95 16.86 11.59 -2.22
N TRP D 96 17.31 10.48 -1.63
CA TRP D 96 18.37 9.69 -2.25
C TRP D 96 17.84 8.56 -3.11
N LYS D 97 16.78 8.80 -3.88
CA LYS D 97 16.34 7.83 -4.88
C LYS D 97 17.14 8.00 -6.17
#